data_7DTP
#
_entry.id   7DTP
#
_cell.length_a   63.074
_cell.length_b   77.420
_cell.length_c   92.122
_cell.angle_alpha   90.000
_cell.angle_beta   90.000
_cell.angle_gamma   90.000
#
_symmetry.space_group_name_H-M   'P 21 21 21'
#
loop_
_entity.id
_entity.type
_entity.pdbx_description
1 polymer 'agmatine coumaroyltransferase'
2 water water
#
_entity_poly.entity_id   1
_entity_poly.type   'polypeptide(L)'
_entity_poly.pdbx_seq_one_letter_code
;MGSSHHHHHHSSGLVPRGSHMASMTGGQQMGRGSEFMKVTVLSSRAVKPDYGACGAPPGSTADVVPLTVLDKANFDAYIS
VIYAFRPPAPPNAVLEAGLARALVDYREWAGRLGVDAASGDRAILLCDAGARFVEATADVALDSVMPMKPTPEVLSLHPS
GDDGPEELMLIQVTRFACGSIVVGFTAQHLVSDGRATSNFFLAWSQATRGLAVDPVPVHDRASFFKPRDPPRVEFEHRGV
EFKPYEKVEENDDERHAGDGDVVVVNKVHLSLEFISKLKSRASVGAHRPHSTLRCLVAHLWRCVTKARGLDGRVSTSVAI
AVDGRARMSPQVPDGYTGNVVLWARPTATAQELVTRPLQHAVELINREVARINGGYFESFIDFASSEAVQKERLVTTADA
AEMALSPNIEVDSWLRIPFYDLDFGGGQPFFFMPSYLPVEGLLILLPSFAGDGSVDAYVPLFSRDMDAFKNCCYNLE
;
_entity_poly.pdbx_strand_id   A
#
# COMPACT_ATOMS: atom_id res chain seq x y z
N SER A 34 -14.16 -8.27 -17.80
CA SER A 34 -14.78 -8.45 -19.16
C SER A 34 -15.97 -7.50 -19.32
N GLU A 35 -16.27 -7.13 -20.57
CA GLU A 35 -17.35 -6.18 -20.97
C GLU A 35 -18.73 -6.69 -20.56
N PHE A 36 -18.88 -7.95 -20.11
CA PHE A 36 -20.17 -8.54 -19.68
C PHE A 36 -20.34 -8.47 -18.16
N MET A 37 -19.25 -8.25 -17.40
CA MET A 37 -19.30 -8.07 -15.93
C MET A 37 -19.75 -6.63 -15.65
N LYS A 38 -21.07 -6.41 -15.61
CA LYS A 38 -21.68 -5.11 -15.25
C LYS A 38 -21.89 -5.07 -13.73
N VAL A 39 -21.20 -4.15 -13.06
CA VAL A 39 -21.27 -3.91 -11.60
C VAL A 39 -22.38 -2.88 -11.33
N THR A 40 -23.41 -3.28 -10.59
CA THR A 40 -24.50 -2.38 -10.17
C THR A 40 -24.26 -2.02 -8.71
N VAL A 41 -23.96 -0.75 -8.44
CA VAL A 41 -23.80 -0.21 -7.06
C VAL A 41 -25.20 0.15 -6.57
N LEU A 42 -25.70 -0.60 -5.58
CA LEU A 42 -27.09 -0.56 -5.10
C LEU A 42 -27.24 0.54 -4.03
N SER A 43 -26.31 0.59 -3.07
CA SER A 43 -26.39 1.47 -1.88
C SER A 43 -24.99 1.85 -1.39
N SER A 44 -24.95 2.89 -0.56
CA SER A 44 -23.76 3.42 0.16
C SER A 44 -24.25 3.96 1.50
N ARG A 45 -23.54 3.71 2.59
CA ARG A 45 -23.93 4.19 3.95
C ARG A 45 -22.68 4.39 4.79
N ALA A 46 -22.75 5.35 5.72
CA ALA A 46 -21.74 5.56 6.78
C ALA A 46 -21.84 4.39 7.75
N VAL A 47 -20.71 3.78 8.12
CA VAL A 47 -20.61 2.85 9.27
C VAL A 47 -19.79 3.54 10.36
N LYS A 48 -20.41 3.74 11.52
CA LYS A 48 -19.81 4.40 12.70
C LYS A 48 -19.32 3.32 13.65
N PRO A 49 -18.40 3.65 14.58
CA PRO A 49 -17.99 2.71 15.62
C PRO A 49 -19.15 2.22 16.50
N ASP A 50 -19.26 0.90 16.65
CA ASP A 50 -20.26 0.21 17.52
C ASP A 50 -19.61 -0.06 18.87
N TYR A 51 -19.50 0.99 19.69
CA TYR A 51 -18.95 0.94 21.08
C TYR A 51 -19.66 -0.17 21.88
N GLY A 52 -20.97 -0.34 21.68
CA GLY A 52 -21.81 -1.26 22.47
C GLY A 52 -21.43 -2.71 22.28
N ALA A 53 -21.27 -3.14 21.02
CA ALA A 53 -20.90 -4.52 20.61
C ALA A 53 -19.55 -4.92 21.23
N CYS A 54 -18.64 -3.97 21.44
CA CYS A 54 -17.33 -4.17 22.10
C CYS A 54 -17.46 -4.05 23.64
N GLY A 55 -18.52 -3.38 24.11
CA GLY A 55 -18.73 -3.07 25.54
C GLY A 55 -17.72 -2.04 26.01
N ALA A 56 -17.60 -0.95 25.25
CA ALA A 56 -16.57 0.11 25.41
C ALA A 56 -17.27 1.46 25.56
N PRO A 57 -16.68 2.43 26.29
CA PRO A 57 -17.33 3.71 26.50
C PRO A 57 -17.32 4.52 25.20
N PRO A 58 -18.47 5.09 24.77
CA PRO A 58 -18.47 6.01 23.64
C PRO A 58 -17.26 6.96 23.74
N GLY A 59 -16.50 7.08 22.66
CA GLY A 59 -15.43 8.08 22.50
C GLY A 59 -16.01 9.46 22.22
N SER A 60 -15.27 10.51 22.57
CA SER A 60 -15.65 11.92 22.31
C SER A 60 -15.48 12.24 20.82
N THR A 61 -16.55 12.65 20.15
CA THR A 61 -16.56 13.07 18.72
C THR A 61 -15.71 14.33 18.55
N ALA A 62 -15.14 14.88 19.63
CA ALA A 62 -14.24 16.05 19.63
C ALA A 62 -12.77 15.62 19.77
N ASP A 63 -12.48 14.33 19.98
CA ASP A 63 -11.08 13.80 19.97
C ASP A 63 -10.42 14.12 18.62
N VAL A 64 -9.16 14.54 18.67
CA VAL A 64 -8.34 14.94 17.49
C VAL A 64 -6.98 14.26 17.64
N VAL A 65 -6.46 13.68 16.57
CA VAL A 65 -5.08 13.09 16.50
C VAL A 65 -4.32 13.84 15.40
N PRO A 66 -3.34 14.71 15.76
CA PRO A 66 -2.60 15.48 14.75
C PRO A 66 -1.69 14.55 13.95
N LEU A 67 -1.52 14.83 12.65
CA LEU A 67 -0.67 14.04 11.75
C LEU A 67 0.80 14.25 12.16
N THR A 68 1.56 13.16 12.26
CA THR A 68 3.01 13.19 12.54
C THR A 68 3.72 13.64 11.25
N VAL A 69 4.99 14.00 11.36
CA VAL A 69 5.84 14.46 10.22
C VAL A 69 6.06 13.29 9.25
N LEU A 70 6.05 12.06 9.74
CA LEU A 70 6.19 10.85 8.90
C LEU A 70 4.88 10.59 8.14
N ASP A 71 3.72 10.92 8.73
CA ASP A 71 2.41 10.90 8.01
C ASP A 71 2.46 11.91 6.85
N LYS A 72 2.92 13.14 7.11
CA LYS A 72 2.89 14.27 6.14
C LYS A 72 4.03 14.11 5.10
N ALA A 73 4.89 13.11 5.25
CA ALA A 73 5.90 12.68 4.25
C ALA A 73 5.22 11.91 3.11
N ASN A 74 3.92 11.63 3.24
CA ASN A 74 3.11 10.96 2.19
C ASN A 74 2.18 12.00 1.55
N PHE A 75 1.70 11.71 0.35
CA PHE A 75 0.81 12.60 -0.43
C PHE A 75 -0.64 12.36 -0.01
N ASP A 76 -1.48 13.38 -0.14
CA ASP A 76 -2.93 13.34 0.14
C ASP A 76 -3.59 12.57 -1.01
N ALA A 77 -3.73 11.24 -0.87
CA ALA A 77 -4.22 10.34 -1.94
C ALA A 77 -4.62 8.97 -1.37
N TYR A 78 -5.42 8.24 -2.15
CA TYR A 78 -6.04 6.94 -1.76
C TYR A 78 -5.34 5.80 -2.50
N ILE A 79 -5.10 4.69 -1.80
CA ILE A 79 -4.60 3.41 -2.36
C ILE A 79 -5.74 2.40 -2.30
N SER A 80 -5.89 1.58 -3.35
CA SER A 80 -7.03 0.66 -3.55
C SER A 80 -6.56 -0.76 -3.83
N VAL A 81 -7.24 -1.72 -3.22
CA VAL A 81 -6.91 -3.17 -3.35
C VAL A 81 -8.22 -3.95 -3.36
N ILE A 82 -8.25 -5.11 -4.01
CA ILE A 82 -9.44 -6.01 -4.03
C ILE A 82 -9.03 -7.42 -3.59
N TYR A 83 -9.94 -8.07 -2.86
CA TYR A 83 -9.85 -9.48 -2.42
C TYR A 83 -11.06 -10.24 -2.95
N ALA A 84 -10.89 -11.44 -3.49
CA ALA A 84 -12.02 -12.33 -3.89
C ALA A 84 -12.10 -13.53 -2.95
N PHE A 85 -13.34 -13.91 -2.58
CA PHE A 85 -13.68 -15.06 -1.72
C PHE A 85 -14.69 -15.95 -2.46
N ARG A 86 -14.61 -17.26 -2.21
CA ARG A 86 -15.46 -18.32 -2.84
C ARG A 86 -16.81 -18.35 -2.14
N PRO A 87 -17.87 -18.85 -2.84
CA PRO A 87 -19.27 -18.75 -2.44
C PRO A 87 -19.71 -18.82 -0.99
N PRO A 88 -19.15 -19.70 -0.12
CA PRO A 88 -19.53 -19.70 1.30
C PRO A 88 -19.23 -18.38 2.05
N ALA A 89 -19.81 -17.25 1.63
CA ALA A 89 -19.42 -15.88 2.03
C ALA A 89 -20.38 -15.31 3.06
N PRO A 90 -19.90 -14.65 4.14
CA PRO A 90 -20.80 -14.07 5.14
C PRO A 90 -21.69 -13.02 4.48
N PRO A 91 -22.94 -12.83 4.95
CA PRO A 91 -23.82 -11.80 4.42
C PRO A 91 -23.25 -10.39 4.64
N ASN A 92 -23.71 -9.43 3.84
CA ASN A 92 -23.32 -7.99 3.93
C ASN A 92 -23.55 -7.48 5.36
N ALA A 93 -24.58 -7.95 6.04
CA ALA A 93 -24.96 -7.48 7.41
C ALA A 93 -23.87 -7.89 8.41
N VAL A 94 -23.36 -9.12 8.32
CA VAL A 94 -22.28 -9.61 9.23
C VAL A 94 -20.98 -8.84 8.93
N LEU A 95 -20.67 -8.62 7.65
CA LEU A 95 -19.46 -7.85 7.25
C LEU A 95 -19.58 -6.42 7.79
N GLU A 96 -20.77 -5.81 7.73
CA GLU A 96 -20.98 -4.40 8.13
C GLU A 96 -20.93 -4.28 9.66
N ALA A 97 -21.60 -5.18 10.40
CA ALA A 97 -21.52 -5.23 11.87
C ALA A 97 -20.05 -5.36 12.31
N GLY A 98 -19.29 -6.21 11.64
CA GLY A 98 -17.87 -6.43 11.92
C GLY A 98 -17.01 -5.20 11.64
N LEU A 99 -17.37 -4.40 10.64
CA LEU A 99 -16.69 -3.11 10.34
C LEU A 99 -16.98 -2.13 11.48
N ALA A 100 -18.25 -1.95 11.83
CA ALA A 100 -18.66 -1.07 12.95
C ALA A 100 -17.89 -1.46 14.21
N ARG A 101 -17.76 -2.76 14.49
CA ARG A 101 -17.05 -3.27 15.69
C ARG A 101 -15.56 -2.93 15.57
N ALA A 102 -14.95 -3.22 14.40
CA ALA A 102 -13.51 -3.00 14.12
C ALA A 102 -13.18 -1.51 14.24
N LEU A 103 -14.09 -0.62 13.88
CA LEU A 103 -13.85 0.85 13.85
C LEU A 103 -13.77 1.44 15.27
N VAL A 104 -14.16 0.70 16.30
CA VAL A 104 -13.93 1.10 17.72
C VAL A 104 -12.41 1.19 17.98
N ASP A 105 -11.64 0.21 17.48
CA ASP A 105 -10.16 0.14 17.64
C ASP A 105 -9.44 0.86 16.49
N TYR A 106 -10.18 1.42 15.52
CA TYR A 106 -9.62 2.10 14.32
C TYR A 106 -10.47 3.32 13.97
N ARG A 107 -10.72 4.20 14.94
CA ARG A 107 -11.61 5.38 14.79
C ARG A 107 -11.05 6.29 13.70
N GLU A 108 -9.74 6.24 13.46
CA GLU A 108 -9.07 7.02 12.38
C GLU A 108 -9.83 6.83 11.05
N TRP A 109 -10.23 5.59 10.75
CA TRP A 109 -10.88 5.22 9.47
C TRP A 109 -12.37 5.61 9.49
N ALA A 110 -12.90 5.99 10.65
CA ALA A 110 -14.26 6.57 10.82
C ALA A 110 -14.20 8.11 10.85
N GLY A 111 -13.00 8.68 10.79
CA GLY A 111 -12.77 10.12 11.00
C GLY A 111 -12.70 10.90 9.71
N ARG A 112 -12.34 12.17 9.82
CA ARG A 112 -12.18 13.10 8.67
C ARG A 112 -10.83 13.79 8.82
N LEU A 113 -10.22 14.18 7.70
CA LEU A 113 -9.03 15.07 7.70
C LEU A 113 -9.52 16.51 7.90
N GLY A 114 -8.92 17.21 8.85
CA GLY A 114 -9.09 18.66 9.03
C GLY A 114 -7.91 19.28 9.74
N VAL A 115 -8.16 20.36 10.47
CA VAL A 115 -7.14 21.13 11.24
C VAL A 115 -7.56 21.11 12.71
N ASP A 116 -6.64 20.76 13.62
CA ASP A 116 -6.82 20.94 15.09
C ASP A 116 -7.00 22.44 15.35
N ALA A 117 -7.97 22.80 16.18
CA ALA A 117 -8.30 24.20 16.54
C ALA A 117 -7.10 24.82 17.27
N ALA A 118 -6.71 24.22 18.40
CA ALA A 118 -5.57 24.63 19.26
C ALA A 118 -4.26 24.03 18.73
N SER A 119 -3.75 24.57 17.61
CA SER A 119 -2.44 24.24 17.00
C SER A 119 -2.35 24.77 15.56
N GLY A 120 -3.46 24.74 14.83
CA GLY A 120 -3.50 25.04 13.38
C GLY A 120 -2.80 23.95 12.58
N ASP A 121 -2.67 22.75 13.15
CA ASP A 121 -1.97 21.57 12.56
C ASP A 121 -2.97 20.66 11.83
N ARG A 122 -2.57 20.11 10.69
CA ARG A 122 -3.35 19.09 9.93
C ARG A 122 -3.47 17.83 10.78
N ALA A 123 -4.70 17.34 10.97
CA ALA A 123 -5.04 16.27 11.95
C ALA A 123 -6.12 15.34 11.40
N ILE A 124 -6.28 14.18 12.04
CA ILE A 124 -7.45 13.28 11.92
C ILE A 124 -8.43 13.68 13.03
N LEU A 125 -9.63 14.12 12.66
CA LEU A 125 -10.73 14.42 13.60
C LEU A 125 -11.48 13.10 13.82
N LEU A 126 -11.53 12.60 15.06
CA LEU A 126 -12.20 11.31 15.39
C LEU A 126 -13.69 11.57 15.65
N CYS A 127 -14.37 12.23 14.70
CA CYS A 127 -15.79 12.67 14.82
C CYS A 127 -16.74 11.50 14.58
N ASP A 128 -16.20 10.32 14.25
CA ASP A 128 -16.97 9.05 14.14
C ASP A 128 -18.05 9.18 13.08
N ALA A 129 -17.83 10.04 12.07
CA ALA A 129 -18.79 10.28 10.96
C ALA A 129 -19.00 8.98 10.19
N GLY A 130 -17.93 8.20 10.03
CA GLY A 130 -18.00 6.80 9.57
C GLY A 130 -17.28 6.57 8.26
N ALA A 131 -16.83 5.33 8.06
CA ALA A 131 -16.31 4.80 6.78
C ALA A 131 -17.48 4.56 5.81
N ARG A 132 -17.24 4.71 4.51
CA ARG A 132 -18.25 4.36 3.47
C ARG A 132 -18.25 2.85 3.28
N PHE A 133 -19.43 2.25 3.36
CA PHE A 133 -19.71 0.83 3.05
C PHE A 133 -20.65 0.81 1.85
N VAL A 134 -20.18 0.28 0.72
CA VAL A 134 -20.87 0.28 -0.59
C VAL A 134 -21.26 -1.17 -0.89
N GLU A 135 -22.55 -1.41 -1.12
CA GLU A 135 -23.03 -2.76 -1.52
C GLU A 135 -23.28 -2.73 -3.02
N ALA A 136 -22.84 -3.77 -3.72
CA ALA A 136 -22.91 -3.87 -5.20
C ALA A 136 -23.11 -5.33 -5.60
N THR A 137 -23.53 -5.54 -6.84
CA THR A 137 -23.76 -6.87 -7.46
C THR A 137 -23.04 -6.84 -8.79
N ALA A 138 -22.54 -7.99 -9.24
CA ALA A 138 -22.07 -8.23 -10.62
C ALA A 138 -22.94 -9.32 -11.23
N ASP A 139 -23.36 -9.14 -12.49
CA ASP A 139 -24.34 -10.02 -13.18
C ASP A 139 -23.59 -11.13 -13.95
N VAL A 140 -22.56 -11.71 -13.34
CA VAL A 140 -21.74 -12.81 -13.92
C VAL A 140 -21.20 -13.66 -12.76
N ALA A 141 -20.90 -14.92 -13.02
CA ALA A 141 -20.07 -15.78 -12.14
C ALA A 141 -18.65 -15.18 -12.08
N LEU A 142 -18.09 -15.03 -10.88
CA LEU A 142 -16.71 -14.51 -10.71
C LEU A 142 -15.74 -15.31 -11.59
N ASP A 143 -15.88 -16.64 -11.61
CA ASP A 143 -15.04 -17.59 -12.38
C ASP A 143 -14.92 -17.12 -13.83
N SER A 144 -15.99 -16.56 -14.41
CA SER A 144 -16.09 -16.18 -15.84
C SER A 144 -15.14 -15.01 -16.19
N VAL A 145 -14.59 -14.28 -15.21
CA VAL A 145 -13.68 -13.12 -15.46
C VAL A 145 -12.33 -13.34 -14.76
N MET A 146 -12.03 -14.58 -14.37
CA MET A 146 -10.78 -15.01 -13.70
C MET A 146 -9.98 -15.88 -14.68
N PRO A 147 -8.63 -15.83 -14.69
CA PRO A 147 -7.84 -14.85 -13.93
C PRO A 147 -8.14 -13.41 -14.36
N MET A 148 -8.35 -12.53 -13.37
CA MET A 148 -8.63 -11.10 -13.59
C MET A 148 -7.29 -10.39 -13.81
N LYS A 149 -7.20 -9.62 -14.89
CA LYS A 149 -5.97 -8.90 -15.29
C LYS A 149 -6.17 -7.43 -14.97
N PRO A 150 -5.10 -6.63 -14.80
CA PRO A 150 -5.24 -5.21 -14.47
C PRO A 150 -5.68 -4.42 -15.71
N THR A 151 -6.95 -4.06 -15.73
CA THR A 151 -7.62 -3.19 -16.73
C THR A 151 -8.36 -2.13 -15.92
N PRO A 152 -8.86 -1.02 -16.54
CA PRO A 152 -9.68 -0.05 -15.84
C PRO A 152 -10.97 -0.62 -15.22
N GLU A 153 -11.38 -1.82 -15.62
CA GLU A 153 -12.63 -2.45 -15.10
C GLU A 153 -12.43 -2.95 -13.66
N VAL A 154 -11.18 -3.09 -13.20
CA VAL A 154 -10.88 -3.45 -11.79
C VAL A 154 -11.38 -2.33 -10.88
N LEU A 155 -11.27 -1.08 -11.34
CA LEU A 155 -11.64 0.15 -10.56
C LEU A 155 -13.11 0.06 -10.15
N SER A 156 -13.91 -0.69 -10.91
CA SER A 156 -15.37 -0.88 -10.67
C SER A 156 -15.63 -1.70 -9.40
N LEU A 157 -14.62 -2.36 -8.84
CA LEU A 157 -14.78 -3.27 -7.67
C LEU A 157 -14.32 -2.62 -6.35
N HIS A 158 -14.03 -1.31 -6.34
CA HIS A 158 -13.76 -0.56 -5.09
C HIS A 158 -14.30 0.85 -5.23
N PRO A 159 -14.59 1.57 -4.13
CA PRO A 159 -14.99 2.97 -4.24
C PRO A 159 -13.84 3.80 -4.83
N SER A 160 -14.19 4.88 -5.51
CA SER A 160 -13.23 5.82 -6.13
C SER A 160 -12.44 6.57 -5.04
N GLY A 161 -11.17 6.83 -5.29
CA GLY A 161 -10.35 7.75 -4.48
C GLY A 161 -9.98 8.99 -5.27
N ASP A 162 -10.74 9.28 -6.34
CA ASP A 162 -10.47 10.41 -7.28
C ASP A 162 -11.66 11.38 -7.38
N ASP A 163 -12.76 11.20 -6.64
CA ASP A 163 -13.96 12.08 -6.72
C ASP A 163 -14.14 12.87 -5.42
N GLY A 164 -13.02 13.17 -4.73
CA GLY A 164 -12.97 13.92 -3.46
C GLY A 164 -13.92 13.35 -2.40
N PRO A 165 -13.77 12.07 -2.01
CA PRO A 165 -14.50 11.55 -0.87
C PRO A 165 -13.94 12.17 0.42
N GLU A 166 -14.83 12.43 1.38
CA GLU A 166 -14.50 12.96 2.73
C GLU A 166 -14.12 11.78 3.63
N GLU A 167 -14.70 10.59 3.38
CA GLU A 167 -14.37 9.35 4.11
C GLU A 167 -12.89 9.00 3.86
N LEU A 168 -12.21 8.50 4.89
CA LEU A 168 -10.76 8.13 4.83
C LEU A 168 -10.64 6.63 4.51
N MET A 169 -11.68 5.84 4.78
CA MET A 169 -11.76 4.41 4.44
C MET A 169 -13.06 4.19 3.68
N LEU A 170 -12.97 3.64 2.46
CA LEU A 170 -14.16 3.32 1.63
C LEU A 170 -14.07 1.85 1.22
N ILE A 171 -15.09 1.07 1.58
CA ILE A 171 -15.14 -0.41 1.40
C ILE A 171 -16.36 -0.76 0.54
N GLN A 172 -16.15 -1.65 -0.41
CA GLN A 172 -17.20 -2.15 -1.33
C GLN A 172 -17.22 -3.68 -1.21
N VAL A 173 -18.42 -4.25 -1.06
CA VAL A 173 -18.68 -5.70 -1.21
C VAL A 173 -19.53 -5.88 -2.47
N THR A 174 -18.98 -6.60 -3.45
CA THR A 174 -19.64 -6.96 -4.72
C THR A 174 -19.94 -8.47 -4.70
N ARG A 175 -21.21 -8.83 -4.67
CA ARG A 175 -21.69 -10.24 -4.73
C ARG A 175 -21.90 -10.64 -6.19
N PHE A 176 -21.24 -11.71 -6.62
CA PHE A 176 -21.34 -12.25 -8.01
C PHE A 176 -22.47 -13.28 -8.05
N ALA A 177 -22.93 -13.63 -9.25
CA ALA A 177 -24.10 -14.51 -9.49
C ALA A 177 -23.86 -15.89 -8.87
N CYS A 178 -22.58 -16.28 -8.68
CA CYS A 178 -22.13 -17.59 -8.14
C CYS A 178 -22.09 -17.60 -6.60
N GLY A 179 -22.32 -16.45 -5.96
CA GLY A 179 -22.27 -16.30 -4.49
C GLY A 179 -20.86 -15.96 -4.00
N SER A 180 -19.89 -15.82 -4.91
CA SER A 180 -18.53 -15.30 -4.59
C SER A 180 -18.65 -13.81 -4.29
N ILE A 181 -17.77 -13.27 -3.45
CA ILE A 181 -17.73 -11.81 -3.16
C ILE A 181 -16.35 -11.28 -3.53
N VAL A 182 -16.32 -10.05 -4.02
CA VAL A 182 -15.08 -9.22 -4.08
C VAL A 182 -15.22 -8.18 -2.99
N VAL A 183 -14.20 -8.05 -2.14
CA VAL A 183 -14.07 -6.98 -1.11
C VAL A 183 -13.00 -6.00 -1.61
N GLY A 184 -13.40 -4.76 -1.90
CA GLY A 184 -12.52 -3.67 -2.38
C GLY A 184 -12.30 -2.64 -1.28
N PHE A 185 -11.04 -2.22 -1.09
CA PHE A 185 -10.60 -1.17 -0.14
C PHE A 185 -10.06 0.04 -0.90
N THR A 186 -10.40 1.24 -0.44
CA THR A 186 -9.86 2.54 -0.90
C THR A 186 -9.53 3.34 0.37
N ALA A 187 -8.24 3.55 0.65
CA ALA A 187 -7.71 3.99 1.95
C ALA A 187 -6.77 5.18 1.76
N GLN A 188 -6.93 6.22 2.58
CA GLN A 188 -6.13 7.47 2.54
C GLN A 188 -4.75 7.19 3.15
N HIS A 189 -3.68 7.49 2.40
CA HIS A 189 -2.28 7.18 2.77
C HIS A 189 -1.84 8.05 3.95
N LEU A 190 -2.36 9.26 4.10
CA LEU A 190 -1.99 10.18 5.21
C LEU A 190 -2.28 9.50 6.56
N VAL A 191 -3.25 8.59 6.61
CA VAL A 191 -3.70 7.93 7.87
C VAL A 191 -2.71 6.82 8.24
N SER A 192 -2.47 5.87 7.33
CA SER A 192 -1.74 4.61 7.63
C SER A 192 -0.81 4.26 6.46
N ASP A 193 0.33 3.62 6.76
CA ASP A 193 1.24 2.99 5.76
C ASP A 193 0.69 1.59 5.42
N GLY A 194 1.37 0.85 4.55
CA GLY A 194 0.99 -0.52 4.16
C GLY A 194 0.74 -1.42 5.36
N ARG A 195 1.65 -1.42 6.33
CA ARG A 195 1.61 -2.33 7.51
C ARG A 195 0.35 -2.01 8.32
N ALA A 196 0.15 -0.73 8.65
CA ALA A 196 -0.98 -0.25 9.49
C ALA A 196 -2.30 -0.54 8.78
N THR A 197 -2.38 -0.32 7.47
CA THR A 197 -3.60 -0.55 6.66
C THR A 197 -3.90 -2.06 6.67
N SER A 198 -2.88 -2.88 6.44
CA SER A 198 -2.96 -4.36 6.53
C SER A 198 -3.47 -4.82 7.90
N ASN A 199 -3.06 -4.13 8.98
CA ASN A 199 -3.54 -4.44 10.35
C ASN A 199 -5.05 -4.23 10.42
N PHE A 200 -5.55 -3.15 9.83
CA PHE A 200 -7.00 -2.80 9.81
C PHE A 200 -7.78 -3.90 9.09
N PHE A 201 -7.35 -4.27 7.87
CA PHE A 201 -7.93 -5.39 7.09
C PHE A 201 -8.10 -6.62 7.99
N LEU A 202 -7.04 -7.00 8.71
CA LEU A 202 -7.08 -8.20 9.58
C LEU A 202 -7.99 -7.92 10.77
N ALA A 203 -7.95 -6.69 11.30
CA ALA A 203 -8.78 -6.27 12.46
C ALA A 203 -10.25 -6.44 12.09
N TRP A 204 -10.61 -6.06 10.86
CA TRP A 204 -12.01 -6.13 10.37
C TRP A 204 -12.44 -7.60 10.28
N SER A 205 -11.58 -8.48 9.73
CA SER A 205 -11.84 -9.94 9.68
C SER A 205 -12.03 -10.47 11.11
N GLN A 206 -11.18 -10.04 12.05
CA GLN A 206 -11.18 -10.51 13.46
C GLN A 206 -12.49 -10.11 14.14
N ALA A 207 -12.88 -8.83 14.02
CA ALA A 207 -14.10 -8.26 14.66
C ALA A 207 -15.33 -8.95 14.06
N THR A 208 -15.30 -9.27 12.77
CA THR A 208 -16.45 -9.87 12.05
C THR A 208 -16.74 -11.26 12.64
N ARG A 209 -15.70 -11.96 13.11
CA ARG A 209 -15.78 -13.30 13.75
C ARG A 209 -16.02 -13.16 15.26
N GLY A 210 -16.13 -11.93 15.77
CA GLY A 210 -16.44 -11.64 17.17
C GLY A 210 -15.21 -11.60 18.06
N LEU A 211 -14.01 -11.64 17.48
CA LEU A 211 -12.72 -11.67 18.23
C LEU A 211 -12.29 -10.24 18.55
N ALA A 212 -11.39 -10.08 19.52
CA ALA A 212 -10.62 -8.83 19.77
C ALA A 212 -9.59 -8.67 18.65
N VAL A 213 -9.20 -7.42 18.37
CA VAL A 213 -8.26 -7.09 17.26
C VAL A 213 -6.82 -7.33 17.76
N ASP A 214 -5.97 -7.86 16.88
CA ASP A 214 -4.54 -8.21 17.14
C ASP A 214 -3.76 -7.94 15.86
N PRO A 215 -2.79 -6.99 15.85
CA PRO A 215 -2.29 -6.35 17.07
C PRO A 215 -3.23 -5.36 17.75
N VAL A 216 -3.04 -5.18 19.06
CA VAL A 216 -3.65 -4.09 19.89
C VAL A 216 -3.15 -2.78 19.30
N PRO A 217 -4.05 -1.88 18.83
CA PRO A 217 -3.61 -0.64 18.17
C PRO A 217 -3.01 0.38 19.15
N VAL A 218 -2.11 1.22 18.65
CA VAL A 218 -1.52 2.39 19.36
C VAL A 218 -1.86 3.64 18.55
N HIS A 219 -2.55 4.60 19.15
CA HIS A 219 -3.18 5.76 18.48
C HIS A 219 -2.52 7.08 18.91
N ASP A 220 -1.84 7.09 20.06
CA ASP A 220 -1.25 8.31 20.67
C ASP A 220 -0.06 8.76 19.81
N ARG A 221 -0.34 9.46 18.71
CA ARG A 221 0.66 9.85 17.68
C ARG A 221 1.50 11.03 18.18
N ALA A 222 0.92 11.93 18.97
CA ALA A 222 1.60 13.09 19.60
C ALA A 222 2.75 12.62 20.50
N SER A 223 2.71 11.37 20.99
CA SER A 223 3.79 10.72 21.78
C SER A 223 5.00 10.35 20.90
N PHE A 224 4.84 10.34 19.56
CA PHE A 224 5.81 9.71 18.62
C PHE A 224 6.43 10.75 17.69
N PHE A 225 7.70 10.53 17.35
CA PHE A 225 8.45 11.27 16.29
C PHE A 225 8.54 12.74 16.70
N LYS A 226 8.80 12.99 17.99
CA LYS A 226 9.04 14.36 18.50
C LYS A 226 10.50 14.73 18.21
N PRO A 227 10.78 15.99 17.82
CA PRO A 227 12.15 16.42 17.56
C PRO A 227 13.07 16.13 18.75
N ARG A 228 14.37 15.97 18.48
CA ARG A 228 15.41 15.87 19.53
C ARG A 228 15.72 17.29 20.02
N ASP A 229 16.14 17.41 21.28
CA ASP A 229 16.67 18.67 21.87
C ASP A 229 18.15 18.47 22.18
N PRO A 230 19.07 19.12 21.43
CA PRO A 230 18.71 19.96 20.28
C PRO A 230 18.48 19.19 18.98
N PRO A 231 17.92 19.84 17.93
CA PRO A 231 17.76 19.23 16.60
C PRO A 231 19.09 18.95 15.85
N ARG A 232 19.24 17.72 15.37
CA ARG A 232 20.39 17.24 14.56
C ARG A 232 19.87 16.78 13.19
N VAL A 233 20.26 17.48 12.13
CA VAL A 233 20.08 17.04 10.71
C VAL A 233 21.43 16.49 10.24
N GLU A 234 21.52 15.19 10.00
CA GLU A 234 22.78 14.45 9.70
C GLU A 234 22.88 14.07 8.22
N PHE A 235 21.84 14.38 7.42
CA PHE A 235 21.72 14.02 5.98
C PHE A 235 21.08 15.17 5.21
N GLU A 236 21.08 15.07 3.88
CA GLU A 236 20.41 16.04 2.96
C GLU A 236 18.99 15.54 2.67
N HIS A 237 17.97 16.27 3.12
CA HIS A 237 16.54 15.91 2.98
C HIS A 237 15.91 16.74 1.86
N ARG A 238 16.47 17.91 1.55
CA ARG A 238 16.14 18.68 0.32
C ARG A 238 16.51 17.82 -0.89
N GLY A 239 15.64 17.80 -1.91
CA GLY A 239 15.87 17.07 -3.17
C GLY A 239 15.60 15.58 -3.03
N VAL A 240 15.15 15.13 -1.85
CA VAL A 240 14.87 13.70 -1.53
C VAL A 240 13.42 13.59 -1.03
N GLU A 241 13.12 14.15 0.15
CA GLU A 241 11.77 14.15 0.77
C GLU A 241 11.10 15.52 0.64
N PHE A 242 11.85 16.57 0.30
CA PHE A 242 11.40 17.98 0.36
C PHE A 242 11.92 18.77 -0.85
N ASP A 261 1.25 7.78 -27.20
CA ASP A 261 1.22 6.40 -26.66
C ASP A 261 0.44 6.37 -25.33
N VAL A 262 0.07 5.18 -24.85
CA VAL A 262 -0.75 4.95 -23.62
C VAL A 262 -0.06 3.92 -22.72
N VAL A 263 -0.23 4.08 -21.40
CA VAL A 263 0.33 3.19 -20.34
C VAL A 263 -0.64 2.01 -20.14
N VAL A 264 -0.15 0.79 -20.29
CA VAL A 264 -0.87 -0.48 -19.98
C VAL A 264 -0.16 -1.15 -18.79
N VAL A 265 -0.94 -1.69 -17.85
CA VAL A 265 -0.41 -2.53 -16.74
C VAL A 265 -0.41 -3.99 -17.18
N ASN A 266 0.73 -4.66 -17.13
CA ASN A 266 0.81 -6.12 -17.41
C ASN A 266 1.33 -6.83 -16.16
N LYS A 267 0.73 -7.97 -15.84
CA LYS A 267 1.17 -8.90 -14.77
C LYS A 267 2.26 -9.79 -15.35
N VAL A 268 3.42 -9.75 -14.70
CA VAL A 268 4.60 -10.61 -15.00
C VAL A 268 4.76 -11.56 -13.81
N HIS A 269 4.63 -12.86 -14.04
CA HIS A 269 4.84 -13.93 -13.03
C HIS A 269 6.33 -14.30 -12.99
N LEU A 270 6.93 -14.27 -11.80
CA LEU A 270 8.35 -14.66 -11.58
C LEU A 270 8.37 -15.93 -10.72
N SER A 271 8.69 -17.07 -11.33
CA SER A 271 8.68 -18.41 -10.72
C SER A 271 9.84 -18.53 -9.71
N LEU A 272 9.79 -19.57 -8.88
CA LEU A 272 10.90 -19.97 -7.98
C LEU A 272 12.14 -20.31 -8.82
N GLU A 273 11.96 -21.03 -9.92
CA GLU A 273 13.05 -21.45 -10.83
C GLU A 273 13.74 -20.20 -11.39
N PHE A 274 12.97 -19.24 -11.91
CA PHE A 274 13.48 -17.99 -12.51
C PHE A 274 14.19 -17.17 -11.43
N ILE A 275 13.63 -17.10 -10.22
CA ILE A 275 14.23 -16.36 -9.08
C ILE A 275 15.59 -16.96 -8.74
N SER A 276 15.70 -18.29 -8.65
CA SER A 276 16.96 -19.00 -8.30
C SER A 276 18.03 -18.70 -9.38
N LYS A 277 17.64 -18.61 -10.65
CA LYS A 277 18.53 -18.24 -11.77
C LYS A 277 19.04 -16.80 -11.59
N LEU A 278 18.16 -15.87 -11.19
CA LEU A 278 18.56 -14.45 -10.96
C LEU A 278 19.62 -14.41 -9.86
N LYS A 279 19.36 -15.13 -8.77
CA LYS A 279 20.26 -15.26 -7.59
C LYS A 279 21.62 -15.83 -8.04
N SER A 280 21.66 -16.67 -9.09
CA SER A 280 22.91 -17.24 -9.67
C SER A 280 23.75 -16.14 -10.31
N ARG A 281 23.14 -15.28 -11.15
CA ARG A 281 23.83 -14.19 -11.88
C ARG A 281 24.24 -13.07 -10.91
N ALA A 282 23.63 -13.06 -9.71
CA ALA A 282 24.08 -12.25 -8.56
C ALA A 282 24.61 -13.21 -7.48
N SER A 283 25.90 -13.54 -7.55
CA SER A 283 26.61 -14.35 -6.53
C SER A 283 27.97 -13.71 -6.21
N VAL A 284 28.37 -13.83 -4.93
CA VAL A 284 29.65 -13.29 -4.36
C VAL A 284 30.81 -14.17 -4.83
N HIS A 290 22.03 -12.58 0.77
CA HIS A 290 21.33 -12.06 -0.44
C HIS A 290 19.84 -11.88 -0.15
N SER A 291 19.02 -11.53 -1.16
CA SER A 291 17.58 -11.20 -1.00
C SER A 291 16.82 -11.35 -2.33
N THR A 292 15.81 -12.22 -2.38
CA THR A 292 14.83 -12.31 -3.51
C THR A 292 14.42 -10.88 -3.92
N LEU A 293 13.92 -10.08 -2.96
CA LEU A 293 13.34 -8.73 -3.20
C LEU A 293 14.40 -7.81 -3.83
N ARG A 294 15.60 -7.76 -3.24
CA ARG A 294 16.73 -6.93 -3.68
C ARG A 294 17.15 -7.33 -5.11
N CYS A 295 17.21 -8.63 -5.41
CA CYS A 295 17.54 -9.16 -6.77
C CYS A 295 16.48 -8.75 -7.78
N LEU A 296 15.22 -9.00 -7.44
CA LEU A 296 14.04 -8.71 -8.29
C LEU A 296 13.94 -7.20 -8.56
N VAL A 297 14.09 -6.36 -7.54
CA VAL A 297 14.04 -4.88 -7.73
C VAL A 297 15.17 -4.49 -8.70
N ALA A 298 16.36 -5.06 -8.55
CA ALA A 298 17.55 -4.75 -9.39
C ALA A 298 17.26 -5.18 -10.84
N HIS A 299 16.71 -6.38 -11.03
CA HIS A 299 16.36 -6.92 -12.37
C HIS A 299 15.32 -6.00 -13.02
N LEU A 300 14.23 -5.70 -12.31
CA LEU A 300 13.08 -4.92 -12.86
C LEU A 300 13.55 -3.50 -13.17
N TRP A 301 14.46 -2.95 -12.38
CA TRP A 301 15.04 -1.59 -12.56
C TRP A 301 15.88 -1.55 -13.86
N ARG A 302 16.73 -2.55 -14.06
CA ARG A 302 17.54 -2.73 -15.29
C ARG A 302 16.61 -2.83 -16.50
N CYS A 303 15.59 -3.70 -16.42
CA CYS A 303 14.75 -4.09 -17.57
C CYS A 303 13.81 -2.93 -17.97
N VAL A 304 13.29 -2.16 -17.00
CA VAL A 304 12.48 -0.95 -17.30
C VAL A 304 13.37 0.07 -18.02
N THR A 305 14.58 0.31 -17.50
CA THR A 305 15.57 1.27 -18.08
C THR A 305 15.89 0.85 -19.52
N LYS A 306 16.16 -0.43 -19.74
CA LYS A 306 16.47 -1.00 -21.08
C LYS A 306 15.23 -0.81 -21.96
N ALA A 307 14.04 -1.17 -21.48
CA ALA A 307 12.76 -1.10 -22.23
C ALA A 307 12.46 0.34 -22.68
N ARG A 308 12.72 1.33 -21.82
CA ARG A 308 12.52 2.77 -22.10
C ARG A 308 13.48 3.28 -23.18
N GLY A 309 14.63 2.63 -23.36
CA GLY A 309 15.67 3.03 -24.35
C GLY A 309 16.31 4.37 -24.01
N LEU A 310 16.47 4.67 -22.73
CA LEU A 310 17.09 5.93 -22.24
C LEU A 310 18.56 5.98 -22.67
N ASP A 311 19.00 7.16 -23.06
CA ASP A 311 20.43 7.52 -23.22
C ASP A 311 21.17 7.07 -21.96
N GLY A 312 22.28 6.34 -22.13
CA GLY A 312 23.05 5.71 -21.04
C GLY A 312 23.53 6.69 -19.99
N ARG A 313 23.61 7.99 -20.32
CA ARG A 313 24.17 9.02 -19.41
C ARG A 313 23.10 9.54 -18.45
N VAL A 314 21.81 9.24 -18.70
CA VAL A 314 20.69 9.72 -17.87
C VAL A 314 20.76 9.01 -16.52
N SER A 315 20.74 9.76 -15.42
CA SER A 315 20.70 9.22 -14.03
C SER A 315 19.32 8.59 -13.78
N THR A 316 19.28 7.36 -13.29
CA THR A 316 18.02 6.62 -12.99
C THR A 316 18.04 6.18 -11.53
N SER A 317 16.90 6.26 -10.87
CA SER A 317 16.74 5.96 -9.42
C SER A 317 15.49 5.09 -9.19
N VAL A 318 15.62 4.09 -8.33
CA VAL A 318 14.47 3.29 -7.81
C VAL A 318 14.20 3.73 -6.37
N ALA A 319 12.95 4.11 -6.08
CA ALA A 319 12.40 4.42 -4.74
C ALA A 319 11.95 3.11 -4.09
N ILE A 320 12.50 2.81 -2.92
CA ILE A 320 12.22 1.58 -2.13
C ILE A 320 11.76 2.02 -0.73
N ALA A 321 10.53 1.65 -0.37
CA ALA A 321 9.92 1.88 0.95
C ALA A 321 10.74 1.15 2.03
N VAL A 322 11.05 1.86 3.11
CA VAL A 322 11.79 1.33 4.29
C VAL A 322 10.89 1.55 5.51
N ASP A 323 10.52 0.47 6.22
CA ASP A 323 9.73 0.51 7.47
C ASP A 323 10.70 0.79 8.61
N GLY A 324 10.54 1.94 9.27
CA GLY A 324 11.40 2.41 10.37
C GLY A 324 11.03 1.84 11.74
N ARG A 325 9.95 1.05 11.85
CA ARG A 325 9.40 0.58 13.14
C ARG A 325 10.48 -0.12 13.98
N ALA A 326 11.17 -1.11 13.40
CA ALA A 326 12.18 -1.97 14.06
C ALA A 326 13.58 -1.33 13.95
N ARG A 327 13.73 -0.30 13.11
CA ARG A 327 15.03 0.40 12.86
C ARG A 327 15.25 1.48 13.92
N MET A 328 14.19 2.08 14.45
CA MET A 328 14.30 3.16 15.47
C MET A 328 14.40 2.54 16.87
N SER A 329 15.08 3.25 17.78
CA SER A 329 15.16 2.95 19.24
C SER A 329 14.76 4.21 20.01
N PRO A 330 13.62 4.23 20.74
CA PRO A 330 12.79 3.03 21.00
C PRO A 330 12.00 2.53 19.78
N GLN A 331 11.76 1.22 19.70
CA GLN A 331 10.99 0.60 18.59
C GLN A 331 9.57 1.20 18.58
N VAL A 332 8.97 1.30 17.39
CA VAL A 332 7.54 1.67 17.23
C VAL A 332 6.74 0.38 17.24
N PRO A 333 5.68 0.26 18.08
CA PRO A 333 4.93 -1.00 18.19
C PRO A 333 4.22 -1.32 16.87
N ASP A 334 4.15 -2.59 16.48
CA ASP A 334 3.51 -3.02 15.21
C ASP A 334 2.05 -2.52 15.15
N GLY A 335 1.42 -2.24 16.30
CA GLY A 335 0.03 -1.78 16.42
C GLY A 335 -0.14 -0.31 16.09
N TYR A 336 0.95 0.46 15.98
CA TYR A 336 0.89 1.90 15.60
C TYR A 336 0.12 2.03 14.29
N THR A 337 -0.90 2.89 14.27
CA THR A 337 -1.90 3.03 13.18
C THR A 337 -1.36 3.94 12.07
N GLY A 338 -0.27 4.66 12.31
CA GLY A 338 0.21 5.72 11.41
C GLY A 338 1.31 5.25 10.49
N ASN A 339 1.83 6.16 9.66
CA ASN A 339 2.95 5.92 8.72
C ASN A 339 4.27 5.89 9.50
N VAL A 340 5.14 4.93 9.20
CA VAL A 340 6.55 4.87 9.70
C VAL A 340 7.42 4.48 8.50
N VAL A 341 7.30 5.23 7.40
CA VAL A 341 7.95 4.91 6.10
C VAL A 341 8.74 6.13 5.59
N LEU A 342 10.00 5.89 5.24
CA LEU A 342 10.84 6.75 4.35
C LEU A 342 11.38 5.89 3.20
N TRP A 343 12.02 6.51 2.21
CA TRP A 343 12.36 5.85 0.92
C TRP A 343 13.87 5.93 0.68
N ALA A 344 14.49 4.75 0.52
CA ALA A 344 15.83 4.55 -0.08
C ALA A 344 15.74 4.82 -1.58
N ARG A 345 16.69 5.57 -2.13
CA ARG A 345 16.69 5.99 -3.55
C ARG A 345 18.02 5.65 -4.22
N PRO A 346 18.38 4.35 -4.35
CA PRO A 346 19.60 3.98 -5.05
C PRO A 346 19.59 4.61 -6.45
N THR A 347 20.67 5.29 -6.83
CA THR A 347 20.76 5.98 -8.14
C THR A 347 21.96 5.44 -8.93
N ALA A 348 21.83 5.39 -10.26
CA ALA A 348 22.92 5.06 -11.22
C ALA A 348 22.64 5.72 -12.57
N THR A 349 23.63 5.73 -13.45
CA THR A 349 23.45 6.06 -14.89
C THR A 349 22.80 4.84 -15.54
N ALA A 350 21.98 5.05 -16.57
CA ALA A 350 21.28 3.98 -17.31
C ALA A 350 22.32 2.99 -17.82
N GLN A 351 23.41 3.49 -18.40
CA GLN A 351 24.58 2.69 -18.89
C GLN A 351 25.09 1.79 -17.75
N GLU A 352 25.49 2.37 -16.63
CA GLU A 352 26.07 1.67 -15.45
C GLU A 352 25.08 0.59 -14.98
N LEU A 353 23.77 0.86 -15.08
CA LEU A 353 22.73 -0.08 -14.60
C LEU A 353 22.58 -1.26 -15.57
N VAL A 354 22.52 -1.01 -16.89
CA VAL A 354 22.22 -2.06 -17.91
C VAL A 354 23.48 -2.85 -18.26
N THR A 355 24.63 -2.20 -18.42
CA THR A 355 25.88 -2.85 -18.94
C THR A 355 26.63 -3.56 -17.83
N ARG A 356 26.70 -3.00 -16.61
CA ARG A 356 27.38 -3.64 -15.45
C ARG A 356 26.50 -4.79 -14.97
N PRO A 357 27.07 -5.86 -14.35
CA PRO A 357 26.29 -7.05 -14.01
C PRO A 357 25.22 -6.77 -12.94
N LEU A 358 24.17 -7.59 -12.90
CA LEU A 358 23.05 -7.52 -11.91
C LEU A 358 23.62 -7.33 -10.49
N GLN A 359 24.77 -7.93 -10.20
CA GLN A 359 25.44 -7.90 -8.88
C GLN A 359 25.67 -6.45 -8.45
N HIS A 360 26.15 -5.61 -9.36
CA HIS A 360 26.45 -4.18 -9.09
C HIS A 360 25.19 -3.46 -8.61
N ALA A 361 24.07 -3.64 -9.32
CA ALA A 361 22.77 -3.00 -9.02
C ALA A 361 22.26 -3.48 -7.66
N VAL A 362 22.30 -4.79 -7.39
CA VAL A 362 21.90 -5.36 -6.08
C VAL A 362 22.67 -4.64 -4.96
N GLU A 363 23.99 -4.43 -5.14
CA GLU A 363 24.90 -3.86 -4.11
C GLU A 363 24.56 -2.39 -3.86
N LEU A 364 24.29 -1.61 -4.91
CA LEU A 364 23.80 -0.20 -4.81
C LEU A 364 22.57 -0.15 -3.92
N ILE A 365 21.61 -1.05 -4.16
CA ILE A 365 20.32 -1.11 -3.40
C ILE A 365 20.64 -1.44 -1.94
N ASN A 366 21.40 -2.51 -1.70
CA ASN A 366 21.83 -2.97 -0.35
C ASN A 366 22.39 -1.79 0.46
N ARG A 367 23.33 -1.04 -0.12
CA ARG A 367 24.08 0.04 0.57
C ARG A 367 23.16 1.23 0.86
N GLU A 368 22.28 1.59 -0.09
CA GLU A 368 21.38 2.76 0.06
C GLU A 368 20.27 2.42 1.08
N VAL A 369 19.73 1.20 1.06
CA VAL A 369 18.64 0.77 1.99
C VAL A 369 19.18 0.73 3.43
N ALA A 370 20.43 0.28 3.62
CA ALA A 370 21.10 0.21 4.95
C ALA A 370 21.41 1.63 5.48
N ARG A 371 21.48 2.63 4.60
CA ARG A 371 21.75 4.05 5.00
C ARG A 371 20.49 4.63 5.66
N ILE A 372 19.30 4.12 5.30
CA ILE A 372 17.99 4.61 5.83
C ILE A 372 17.71 3.88 7.15
N ASN A 373 18.49 4.18 8.19
CA ASN A 373 18.47 3.48 9.51
C ASN A 373 17.78 4.39 10.54
N GLY A 374 17.76 3.96 11.82
CA GLY A 374 17.16 4.74 12.92
C GLY A 374 17.59 6.19 12.86
N GLY A 375 18.90 6.39 12.62
CA GLY A 375 19.54 7.72 12.52
C GLY A 375 18.98 8.56 11.39
N TYR A 376 18.69 7.95 10.23
CA TYR A 376 18.11 8.65 9.05
C TYR A 376 16.70 9.13 9.40
N PHE A 377 15.90 8.23 9.97
CA PHE A 377 14.52 8.55 10.41
C PHE A 377 14.57 9.77 11.34
N GLU A 378 15.48 9.73 12.32
CA GLU A 378 15.67 10.79 13.35
C GLU A 378 16.12 12.10 12.69
N SER A 379 17.00 12.02 11.68
CA SER A 379 17.42 13.20 10.87
C SER A 379 16.23 13.79 10.13
N PHE A 380 15.40 12.94 9.51
CA PHE A 380 14.18 13.39 8.78
C PHE A 380 13.23 14.11 9.76
N ILE A 381 13.01 13.54 10.95
CA ILE A 381 12.00 14.06 11.92
C ILE A 381 12.38 15.49 12.37
N ASP A 382 13.68 15.70 12.69
CA ASP A 382 14.20 17.00 13.21
C ASP A 382 14.09 18.05 12.10
N PHE A 383 14.41 17.66 10.87
CA PHE A 383 14.41 18.57 9.70
C PHE A 383 12.98 18.94 9.29
N ALA A 384 12.08 17.96 9.20
CA ALA A 384 10.68 18.15 8.77
C ALA A 384 9.95 19.08 9.75
N SER A 385 10.46 19.17 10.98
CA SER A 385 9.92 20.00 12.09
C SER A 385 10.55 21.41 12.11
N SER A 386 11.56 21.66 11.27
CA SER A 386 12.35 22.92 11.21
C SER A 386 11.63 23.97 10.34
N GLU A 387 12.15 25.20 10.34
CA GLU A 387 11.68 26.33 9.49
C GLU A 387 12.59 26.41 8.26
N LEU A 394 9.59 24.00 3.05
CA LEU A 394 9.37 23.37 1.72
C LEU A 394 8.08 22.54 1.72
N VAL A 395 7.88 21.72 0.69
CA VAL A 395 6.71 20.80 0.53
C VAL A 395 7.23 19.42 0.09
N THR A 396 6.51 18.36 0.47
CA THR A 396 6.88 16.94 0.21
C THR A 396 7.07 16.73 -1.30
N THR A 397 7.84 15.70 -1.66
CA THR A 397 8.13 15.24 -3.05
C THR A 397 7.28 14.02 -3.41
N ALA A 398 6.34 13.63 -2.54
CA ALA A 398 5.46 12.45 -2.71
C ALA A 398 4.31 12.82 -3.65
N MET A 403 2.25 11.20 -13.43
CA MET A 403 1.65 9.94 -13.93
C MET A 403 2.67 9.17 -14.81
N ALA A 404 3.97 9.41 -14.60
CA ALA A 404 5.10 8.89 -15.39
C ALA A 404 6.40 9.25 -14.68
N LEU A 405 7.10 8.23 -14.17
CA LEU A 405 8.24 8.41 -13.24
C LEU A 405 9.56 8.52 -14.00
N SER A 406 9.59 8.21 -15.30
CA SER A 406 10.80 8.26 -16.17
C SER A 406 11.58 9.55 -15.93
N PRO A 407 12.90 9.52 -15.65
CA PRO A 407 13.75 8.33 -15.82
C PRO A 407 13.82 7.35 -14.63
N ASN A 408 12.92 7.51 -13.66
CA ASN A 408 12.95 6.78 -12.37
C ASN A 408 11.83 5.73 -12.32
N ILE A 409 11.90 4.83 -11.35
CA ILE A 409 10.81 3.86 -11.03
C ILE A 409 10.54 3.91 -9.52
N GLU A 410 9.40 3.37 -9.11
CA GLU A 410 9.11 3.04 -7.69
C GLU A 410 8.69 1.57 -7.63
N VAL A 411 9.20 0.82 -6.65
CA VAL A 411 8.75 -0.58 -6.36
C VAL A 411 8.06 -0.56 -4.99
N ASP A 412 6.73 -0.70 -4.99
CA ASP A 412 5.90 -0.92 -3.79
C ASP A 412 5.77 -2.45 -3.60
N SER A 413 6.39 -2.99 -2.55
CA SER A 413 6.39 -4.43 -2.21
C SER A 413 5.22 -4.73 -1.26
N TRP A 414 4.26 -5.55 -1.69
CA TRP A 414 3.10 -6.02 -0.87
C TRP A 414 3.28 -7.49 -0.52
N LEU A 415 4.50 -7.96 -0.23
CA LEU A 415 4.76 -9.42 -0.02
C LEU A 415 4.27 -9.84 1.37
N ARG A 416 4.02 -8.86 2.24
CA ARG A 416 3.49 -9.04 3.63
C ARG A 416 1.95 -8.84 3.68
N ILE A 417 1.28 -8.66 2.55
CA ILE A 417 -0.20 -8.44 2.46
C ILE A 417 -0.91 -9.58 3.21
N PRO A 418 -1.92 -9.30 4.06
CA PRO A 418 -2.70 -10.38 4.67
C PRO A 418 -3.42 -11.14 3.55
N PHE A 419 -3.42 -12.46 3.64
CA PHE A 419 -4.07 -13.38 2.67
C PHE A 419 -4.57 -14.60 3.42
N TYR A 420 -3.64 -15.47 3.80
CA TYR A 420 -3.90 -16.82 4.38
C TYR A 420 -4.72 -16.71 5.68
N ASP A 421 -4.66 -15.57 6.37
CA ASP A 421 -5.30 -15.39 7.70
C ASP A 421 -6.47 -14.41 7.64
N LEU A 422 -6.73 -13.76 6.51
CA LEU A 422 -7.91 -12.85 6.34
C LEU A 422 -9.14 -13.74 6.16
N ASP A 423 -9.89 -13.96 7.25
CA ASP A 423 -11.05 -14.88 7.28
C ASP A 423 -12.18 -14.15 8.02
N PHE A 424 -13.27 -13.89 7.31
CA PHE A 424 -14.47 -13.17 7.81
C PHE A 424 -15.47 -14.17 8.39
N GLY A 425 -15.14 -15.47 8.33
CA GLY A 425 -16.00 -16.58 8.77
C GLY A 425 -16.25 -17.60 7.67
N GLY A 426 -15.87 -17.31 6.42
CA GLY A 426 -16.13 -18.17 5.25
C GLY A 426 -14.85 -18.64 4.57
N GLY A 427 -13.73 -18.57 5.30
CA GLY A 427 -12.41 -19.01 4.83
C GLY A 427 -11.60 -17.86 4.26
N GLN A 428 -10.38 -18.19 3.83
CA GLN A 428 -9.35 -17.26 3.34
C GLN A 428 -9.76 -16.81 1.93
N PRO A 429 -9.27 -15.68 1.40
CA PRO A 429 -9.49 -15.35 -0.01
C PRO A 429 -8.74 -16.34 -0.91
N PHE A 430 -9.17 -16.47 -2.17
CA PHE A 430 -8.48 -17.28 -3.20
C PHE A 430 -7.79 -16.34 -4.21
N PHE A 431 -8.02 -15.03 -4.11
CA PHE A 431 -7.44 -14.04 -5.05
C PHE A 431 -7.30 -12.66 -4.39
N PHE A 432 -6.30 -11.92 -4.85
CA PHE A 432 -6.03 -10.51 -4.45
C PHE A 432 -5.31 -9.83 -5.62
N MET A 433 -5.52 -8.53 -5.75
CA MET A 433 -4.94 -7.71 -6.83
C MET A 433 -4.82 -6.27 -6.35
N PRO A 434 -3.78 -5.53 -6.77
CA PRO A 434 -3.82 -4.07 -6.70
C PRO A 434 -4.91 -3.55 -7.64
N SER A 435 -5.41 -2.35 -7.39
CA SER A 435 -6.28 -1.63 -8.35
C SER A 435 -5.45 -1.31 -9.59
N TYR A 436 -6.11 -1.01 -10.72
CA TYR A 436 -5.47 -0.52 -11.97
C TYR A 436 -4.84 0.85 -11.67
N LEU A 437 -3.51 0.93 -11.75
CA LEU A 437 -2.74 2.18 -11.55
C LEU A 437 -1.86 2.40 -12.76
N PRO A 438 -2.38 3.06 -13.83
CA PRO A 438 -1.63 3.20 -15.08
C PRO A 438 -0.58 4.33 -15.00
N VAL A 439 0.37 4.20 -14.06
CA VAL A 439 1.46 5.18 -13.78
C VAL A 439 2.80 4.55 -14.19
N GLU A 440 3.37 5.02 -15.30
CA GLU A 440 4.58 4.43 -15.93
C GLU A 440 5.70 4.36 -14.89
N GLY A 441 6.27 3.17 -14.66
CA GLY A 441 7.40 2.94 -13.75
C GLY A 441 7.00 2.77 -12.29
N LEU A 442 5.70 2.77 -11.95
CA LEU A 442 5.23 2.47 -10.56
C LEU A 442 4.90 0.97 -10.47
N LEU A 443 5.89 0.18 -10.04
CA LEU A 443 5.81 -1.30 -10.03
C LEU A 443 5.26 -1.76 -8.67
N ILE A 444 4.39 -2.77 -8.66
CA ILE A 444 3.84 -3.37 -7.40
C ILE A 444 4.22 -4.86 -7.39
N LEU A 445 5.03 -5.24 -6.41
CA LEU A 445 5.46 -6.64 -6.19
C LEU A 445 4.48 -7.29 -5.20
N LEU A 446 3.99 -8.49 -5.55
CA LEU A 446 2.89 -9.21 -4.89
C LEU A 446 3.23 -10.69 -4.83
N PRO A 447 2.81 -11.44 -3.78
CA PRO A 447 2.88 -12.90 -3.81
C PRO A 447 1.94 -13.46 -4.89
N SER A 448 2.28 -14.61 -5.48
CA SER A 448 1.46 -15.29 -6.53
C SER A 448 0.26 -16.03 -5.93
N PHE A 449 0.24 -16.25 -4.60
CA PHE A 449 -0.84 -16.97 -3.87
C PHE A 449 -0.65 -18.48 -3.92
N ALA A 450 0.41 -18.98 -4.56
CA ALA A 450 0.72 -20.42 -4.71
C ALA A 450 1.36 -20.94 -3.42
N GLY A 451 1.91 -20.05 -2.59
CA GLY A 451 2.54 -20.38 -1.30
C GLY A 451 3.99 -20.82 -1.45
N ASP A 452 4.53 -20.80 -2.67
CA ASP A 452 5.85 -21.41 -3.02
C ASP A 452 6.95 -20.34 -2.94
N GLY A 453 6.58 -19.07 -2.81
CA GLY A 453 7.50 -17.93 -2.78
C GLY A 453 7.69 -17.30 -4.15
N SER A 454 6.91 -17.72 -5.16
CA SER A 454 6.93 -17.09 -6.50
C SER A 454 6.33 -15.68 -6.35
N VAL A 455 6.68 -14.76 -7.25
CA VAL A 455 6.33 -13.31 -7.11
C VAL A 455 5.63 -12.87 -8.38
N ASP A 456 4.57 -12.06 -8.24
CA ASP A 456 3.86 -11.40 -9.35
C ASP A 456 4.25 -9.91 -9.32
N ALA A 457 4.70 -9.38 -10.45
CA ALA A 457 5.03 -7.95 -10.65
C ALA A 457 3.98 -7.36 -11.60
N TYR A 458 3.30 -6.30 -11.15
CA TYR A 458 2.39 -5.47 -11.96
C TYR A 458 3.18 -4.27 -12.48
N VAL A 459 3.51 -4.26 -13.78
CA VAL A 459 4.39 -3.27 -14.44
C VAL A 459 3.56 -2.37 -15.36
N PRO A 460 3.34 -1.10 -15.01
CA PRO A 460 2.82 -0.10 -15.94
C PRO A 460 3.92 0.49 -16.82
N LEU A 461 3.81 0.34 -18.13
CA LEU A 461 4.75 0.89 -19.15
C LEU A 461 3.92 1.35 -20.36
N PHE A 462 4.45 2.27 -21.16
CA PHE A 462 3.85 2.64 -22.46
C PHE A 462 3.82 1.39 -23.33
N SER A 463 2.75 1.23 -24.12
CA SER A 463 2.51 0.14 -25.10
C SER A 463 3.82 -0.24 -25.81
N ARG A 464 4.52 0.71 -26.43
CA ARG A 464 5.74 0.50 -27.26
C ARG A 464 6.85 -0.25 -26.48
N ASP A 465 6.90 -0.10 -25.16
CA ASP A 465 8.06 -0.56 -24.33
C ASP A 465 7.80 -1.94 -23.72
N MET A 466 6.54 -2.41 -23.68
CA MET A 466 6.13 -3.56 -22.84
C MET A 466 6.76 -4.86 -23.35
N ASP A 467 6.71 -5.13 -24.67
CA ASP A 467 7.37 -6.31 -25.27
C ASP A 467 8.86 -6.29 -24.91
N ALA A 468 9.53 -5.16 -25.17
CA ALA A 468 10.96 -4.96 -24.86
C ALA A 468 11.21 -5.26 -23.38
N PHE A 469 10.31 -4.86 -22.47
CA PHE A 469 10.44 -5.12 -21.01
C PHE A 469 10.30 -6.62 -20.73
N LYS A 470 9.30 -7.29 -21.32
CA LYS A 470 9.02 -8.73 -21.06
C LYS A 470 10.21 -9.58 -21.53
N ASN A 471 10.78 -9.28 -22.70
CA ASN A 471 11.96 -9.99 -23.25
C ASN A 471 13.12 -9.91 -22.26
N CYS A 472 13.49 -8.71 -21.85
CA CYS A 472 14.53 -8.44 -20.83
C CYS A 472 14.24 -9.22 -19.53
N CYS A 473 12.99 -9.26 -19.08
CA CYS A 473 12.56 -9.90 -17.81
C CYS A 473 12.85 -11.41 -17.82
N TYR A 474 12.77 -12.06 -18.99
CA TYR A 474 12.72 -13.55 -19.12
C TYR A 474 13.88 -14.10 -19.97
#